data_5LJY
#
_entry.id   5LJY
#
_cell.length_a   116.623
_cell.length_b   148.795
_cell.length_c   37.998
_cell.angle_alpha   90.00
_cell.angle_beta   90.00
_cell.angle_gamma   90.00
#
_symmetry.space_group_name_H-M   'P 21 21 2'
#
loop_
_entity.id
_entity.type
_entity.pdbx_description
1 polymer 'Envelopment polyprotein'
2 polymer scFvA5
3 non-polymer 2-acetamido-2-deoxy-beta-D-glucopyranose
4 non-polymer 'COBALT HEXAMMINE(III)'
5 water water
#
loop_
_entity_poly.entity_id
_entity_poly.type
_entity_poly.pdbx_seq_one_letter_code
_entity_poly.pdbx_strand_id
1 'polypeptide(L)'
;SETPLTPVWNDNAHGVGSVPMHTDLELDFSLTSSSKYTYRRKLTNPLEEAQSIDLHIEIEEQTIGVDVHALGHWFDGRLN
LKTSFHCYGACTKYEYPWHTAKCHYERDYQYETSWGCNPSDCPGVGTGCTACGLYLDQLKPVGSAYKIITIRYSRRVCVQ
FGEENLCKIIDMNDCFVSRHVKVCIIGTVSKFSQGDTLLFFGPLEGGGLIFKHWCTSTCQFGDPGDIMSPRDKGFLCPEF
PGSFRKKCNFATTPICEYDGNMVSGYKKVMATIDSFQSFNTSTMHFTDERIEWKDPDGMLRDHINILVTKDIDFDNLGEN
PCKIGLQTSSIEGAWGSGVGFTLTCLVSLTECPTFLTSIKACDKAICYGAESVTLTRGQNTVKVSGKGGHSGSTFRCCHG
EDCSQIGLHAAAPHLDKVNGISEIENSKVYDDGAPQCGIKCWFVKSGEWISGIFSGNGGSDDDDKAGWSHPQFEKGGGSG
GGSGGGSWSHPQFEK
;
A
2 'polypeptide(L)'
;SLGAMAQVQLQESGPGLVKPSETLSLTCVVSGGSISSSNWWSWVRQPPGKGLEWIGEIYHSGSPNYNPSLKSRVTISVDK
SKNQFSLKLSSVTAADTAVYYCARQMRQWGQGTLVTVSSGGGGSGGGGSGGSALSSELTQDPAVSVALGQTVRITCQGDS
LRSYYASWYQQKPGQAPVLVIYGKNNRPSGIPDRFSGSSSGNTASLTITGAQAEDEADYYCNSRDSSGNHNVFGGGTKLT
VLGAAADDDDKAGWSHPQFEKGGGSGGGSGGGSWSHPQFEK
;
H,L
#
loop_
_chem_comp.id
_chem_comp.type
_chem_comp.name
_chem_comp.formula
NAG D-saccharide, beta linking 2-acetamido-2-deoxy-beta-D-glucopyranose 'C8 H15 N O6'
NCO non-polymer 'COBALT HEXAMMINE(III)' 'Co H18 N6 3'
#
# COMPACT_ATOMS: atom_id res chain seq x y z
N GLY A 15 27.86 -32.05 -20.90
CA GLY A 15 27.84 -32.77 -19.64
C GLY A 15 28.14 -31.87 -18.46
N VAL A 16 28.80 -32.44 -17.44
CA VAL A 16 29.20 -31.66 -16.28
C VAL A 16 30.71 -31.83 -16.02
N GLY A 17 31.38 -30.71 -15.76
CA GLY A 17 32.82 -30.68 -15.64
C GLY A 17 33.33 -31.20 -14.31
N SER A 18 34.61 -31.54 -14.26
CA SER A 18 35.24 -32.07 -13.07
C SER A 18 36.25 -31.10 -12.48
N VAL A 19 36.42 -31.13 -11.16
CA VAL A 19 37.31 -30.20 -10.47
C VAL A 19 38.22 -30.90 -9.47
N PRO A 20 39.49 -31.14 -9.83
CA PRO A 20 40.49 -31.71 -8.91
C PRO A 20 40.73 -30.81 -7.72
N MET A 21 40.32 -31.26 -6.54
CA MET A 21 40.39 -30.41 -5.35
C MET A 21 41.81 -30.23 -4.81
N HIS A 22 42.69 -29.65 -5.63
CA HIS A 22 44.04 -29.32 -5.19
C HIS A 22 43.98 -28.26 -4.10
N THR A 23 43.01 -27.35 -4.21
CA THR A 23 42.77 -26.34 -3.19
C THR A 23 41.28 -26.23 -2.95
N ASP A 24 40.90 -25.43 -1.96
CA ASP A 24 39.50 -25.06 -1.78
C ASP A 24 38.96 -24.52 -3.09
N LEU A 25 37.76 -24.91 -3.48
CA LEU A 25 37.10 -24.26 -4.61
C LEU A 25 36.41 -23.00 -4.09
N GLU A 26 36.53 -21.90 -4.82
CA GLU A 26 35.77 -20.71 -4.45
C GLU A 26 35.10 -20.07 -5.67
N LEU A 27 33.80 -19.82 -5.53
CA LEU A 27 32.97 -19.07 -6.47
C LEU A 27 32.50 -17.73 -5.96
N ASP A 28 32.71 -16.69 -6.75
CA ASP A 28 32.31 -15.37 -6.34
C ASP A 28 31.67 -14.69 -7.55
N PHE A 29 30.41 -14.29 -7.42
CA PHE A 29 29.65 -13.80 -8.56
C PHE A 29 28.43 -13.00 -8.14
N SER A 30 27.94 -12.18 -9.07
CA SER A 30 26.69 -11.44 -8.92
C SER A 30 25.44 -12.00 -9.58
N LEU A 31 24.39 -12.26 -8.82
CA LEU A 31 23.20 -12.87 -9.42
C LEU A 31 21.96 -11.94 -9.38
N THR A 32 21.31 -11.75 -10.53
CA THR A 32 19.98 -11.10 -10.71
C THR A 32 18.92 -11.61 -9.75
N SER A 33 18.22 -10.72 -9.05
CA SER A 33 17.27 -11.16 -8.02
C SER A 33 16.20 -12.08 -8.56
N SER A 34 15.74 -11.83 -9.77
CA SER A 34 14.71 -12.69 -10.33
C SER A 34 15.30 -13.95 -10.97
N SER A 35 16.62 -14.17 -10.82
CA SER A 35 17.20 -15.39 -11.39
C SER A 35 17.57 -16.46 -10.36
N LYS A 36 17.38 -17.71 -10.76
CA LYS A 36 17.93 -18.85 -10.05
C LYS A 36 19.38 -19.10 -10.46
N TYR A 37 20.06 -20.00 -9.75
CA TYR A 37 21.42 -20.37 -10.12
C TYR A 37 21.70 -21.83 -9.78
N THR A 38 22.33 -22.54 -10.70
CA THR A 38 22.66 -23.93 -10.47
C THR A 38 24.15 -24.11 -10.65
N TYR A 39 24.79 -24.80 -9.71
CA TYR A 39 26.17 -25.19 -9.89
C TYR A 39 26.30 -26.69 -9.62
N ARG A 40 26.87 -27.37 -10.61
CA ARG A 40 27.13 -28.80 -10.55
C ARG A 40 28.57 -29.08 -10.97
N ARG A 41 29.25 -29.93 -10.22
CA ARG A 41 30.62 -30.28 -10.54
C ARG A 41 30.97 -31.60 -9.91
N LYS A 42 31.83 -32.37 -10.56
CA LYS A 42 32.38 -33.55 -9.92
C LYS A 42 33.69 -33.13 -9.29
N LEU A 43 33.74 -33.27 -7.98
CA LEU A 43 34.94 -32.94 -7.22
C LEU A 43 35.78 -34.21 -7.19
N THR A 44 36.89 -34.22 -7.92
CA THR A 44 37.68 -35.44 -8.00
C THR A 44 38.85 -35.34 -7.06
N ASN A 45 39.26 -36.50 -6.56
CA ASN A 45 40.33 -36.62 -5.60
C ASN A 45 41.57 -35.89 -6.07
N PRO A 46 42.01 -34.89 -5.30
CA PRO A 46 43.40 -34.44 -5.45
C PRO A 46 44.27 -35.63 -5.13
N LEU A 47 45.54 -35.58 -5.46
CA LEU A 47 46.39 -36.77 -5.48
C LEU A 47 46.01 -37.62 -6.68
N GLU A 48 46.92 -38.48 -7.09
CA GLU A 48 46.78 -39.16 -8.38
C GLU A 48 45.67 -40.21 -8.37
N GLU A 49 44.48 -39.81 -7.90
CA GLU A 49 43.31 -40.66 -7.99
C GLU A 49 42.09 -39.91 -8.54
N ALA A 50 41.37 -40.56 -9.44
CA ALA A 50 40.16 -39.99 -10.02
C ALA A 50 38.91 -40.67 -9.46
N GLN A 51 38.77 -40.59 -8.13
CA GLN A 51 37.51 -40.91 -7.46
C GLN A 51 36.89 -39.58 -7.07
N SER A 52 35.56 -39.50 -7.04
CA SER A 52 34.91 -38.20 -7.11
C SER A 52 33.59 -38.04 -6.36
N ILE A 53 33.41 -36.85 -5.78
CA ILE A 53 32.25 -36.54 -4.97
C ILE A 53 31.42 -35.50 -5.73
N ASP A 54 30.14 -35.79 -5.92
CA ASP A 54 29.23 -34.86 -6.59
C ASP A 54 28.77 -33.70 -5.70
N LEU A 55 28.96 -32.51 -6.24
CA LEU A 55 28.46 -31.29 -5.65
C LEU A 55 27.41 -30.68 -6.54
N HIS A 56 26.27 -30.42 -5.94
CA HIS A 56 25.11 -29.89 -6.64
C HIS A 56 24.47 -28.81 -5.77
N ILE A 57 24.54 -27.57 -6.25
CA ILE A 57 24.00 -26.41 -5.56
C ILE A 57 22.87 -25.75 -6.34
N GLU A 58 21.76 -25.52 -5.65
CA GLU A 58 20.62 -24.81 -6.23
C GLU A 58 20.28 -23.55 -5.43
N ILE A 59 20.35 -22.41 -6.09
CA ILE A 59 19.94 -21.14 -5.49
C ILE A 59 18.66 -20.60 -6.13
N GLU A 60 17.65 -20.33 -5.32
CA GLU A 60 16.32 -19.86 -5.76
C GLU A 60 16.24 -18.33 -5.83
N GLU A 61 15.20 -17.82 -6.49
CA GLU A 61 15.04 -16.36 -6.60
C GLU A 61 15.02 -15.63 -5.25
N GLN A 62 15.52 -14.41 -5.27
CA GLN A 62 15.51 -13.51 -4.13
C GLN A 62 14.10 -13.14 -3.65
N THR A 63 13.90 -13.17 -2.34
CA THR A 63 12.69 -12.64 -1.75
C THR A 63 12.99 -11.32 -1.02
N ILE A 64 12.09 -10.37 -1.12
CA ILE A 64 12.23 -9.07 -0.45
C ILE A 64 11.24 -8.94 0.67
N GLY A 65 11.73 -8.68 1.89
CA GLY A 65 10.85 -8.49 3.03
C GLY A 65 11.11 -7.16 3.68
N VAL A 66 10.05 -6.39 3.91
CA VAL A 66 10.19 -5.04 4.47
C VAL A 66 9.27 -4.80 5.66
N ASP A 67 9.83 -4.27 6.74
CA ASP A 67 9.01 -3.80 7.86
C ASP A 67 8.65 -2.35 7.62
N VAL A 68 7.38 -2.02 7.77
CA VAL A 68 6.91 -0.70 7.39
C VAL A 68 6.00 -0.03 8.41
N HIS A 69 5.82 1.27 8.25
CA HIS A 69 4.70 2.01 8.82
C HIS A 69 3.76 2.48 7.71
N ALA A 70 2.51 2.04 7.77
CA ALA A 70 1.51 2.50 6.81
C ALA A 70 1.18 3.98 7.00
N LEU A 71 1.35 4.76 5.93
CA LEU A 71 1.20 6.21 5.96
C LEU A 71 -0.17 6.69 5.49
N GLY A 72 -1.02 5.76 5.06
CA GLY A 72 -2.33 6.08 4.51
C GLY A 72 -2.34 6.36 3.02
N HIS A 73 -3.36 7.08 2.52
CA HIS A 73 -3.43 7.31 1.08
C HIS A 73 -2.88 8.67 0.66
N TRP A 74 -2.16 8.68 -0.46
CA TRP A 74 -1.77 9.92 -1.13
C TRP A 74 -2.86 10.35 -2.12
N PHE A 75 -3.10 11.66 -2.19
CA PHE A 75 -4.11 12.21 -3.10
C PHE A 75 -3.56 13.15 -4.16
N ASP A 76 -4.22 13.11 -5.32
CA ASP A 76 -4.14 14.16 -6.33
C ASP A 76 -5.24 15.20 -6.10
N GLY A 77 -5.05 16.40 -6.63
CA GLY A 77 -6.07 17.43 -6.55
C GLY A 77 -5.74 18.66 -7.38
N ARG A 78 -6.73 19.54 -7.53
CA ARG A 78 -6.54 20.78 -8.27
C ARG A 78 -6.70 22.00 -7.37
N LEU A 79 -5.66 22.84 -7.31
CA LEU A 79 -5.72 24.05 -6.51
C LEU A 79 -6.49 25.15 -7.25
N ASN A 80 -7.57 25.62 -6.65
CA ASN A 80 -8.37 26.69 -7.24
C ASN A 80 -8.28 27.97 -6.43
N LEU A 81 -8.30 29.09 -7.14
CA LEU A 81 -8.23 30.39 -6.50
C LEU A 81 -9.43 31.25 -6.89
N LYS A 82 -10.24 31.62 -5.91
CA LYS A 82 -11.38 32.48 -6.16
C LYS A 82 -11.21 33.82 -5.45
N THR A 83 -11.54 34.89 -6.16
CA THR A 83 -11.44 36.24 -5.63
C THR A 83 -12.83 36.82 -5.40
N SER A 84 -13.02 37.46 -4.25
CA SER A 84 -14.33 38.03 -3.92
C SER A 84 -14.20 39.43 -3.31
N PHE A 85 -15.06 40.35 -3.75
CA PHE A 85 -15.05 41.73 -3.25
C PHE A 85 -16.46 42.26 -3.00
N HIS A 86 -16.61 43.06 -1.95
CA HIS A 86 -17.90 43.65 -1.62
C HIS A 86 -17.73 45.06 -1.04
N ALA A 90 -15.63 45.44 5.53
CA ALA A 90 -15.99 44.63 6.69
C ALA A 90 -16.09 43.15 6.31
N CYS A 91 -14.98 42.59 5.86
CA CYS A 91 -14.94 41.21 5.36
C CYS A 91 -15.33 40.18 6.41
N THR A 92 -14.77 40.38 7.60
CA THR A 92 -15.02 39.48 8.70
C THR A 92 -16.28 38.69 8.45
N LYS A 93 -16.33 37.52 9.05
CA LYS A 93 -17.47 36.62 8.95
C LYS A 93 -18.00 36.32 7.57
N TYR A 94 -17.53 36.93 6.51
CA TYR A 94 -18.24 36.48 5.33
C TYR A 94 -18.01 34.99 5.09
N GLU A 95 -19.10 34.24 5.04
CA GLU A 95 -19.04 32.84 4.66
C GLU A 95 -19.05 32.74 3.14
N TYR A 96 -18.09 32.01 2.58
CA TYR A 96 -18.05 31.78 1.15
C TYR A 96 -18.46 30.34 0.86
N PRO A 97 -19.05 30.10 -0.32
CA PRO A 97 -19.63 28.77 -0.59
C PRO A 97 -18.60 27.64 -0.67
N TRP A 98 -17.33 27.93 -0.44
CA TRP A 98 -16.31 26.88 -0.47
C TRP A 98 -15.68 26.67 0.90
N HIS A 99 -16.33 27.17 1.95
CA HIS A 99 -15.84 26.96 3.30
C HIS A 99 -16.14 25.55 3.80
N THR A 100 -16.82 24.77 2.96
CA THR A 100 -17.09 23.36 3.27
C THR A 100 -16.06 22.47 2.60
N ALA A 101 -15.15 23.10 1.85
CA ALA A 101 -14.02 22.40 1.28
C ALA A 101 -13.11 21.92 2.40
N LYS A 102 -12.65 20.68 2.30
CA LYS A 102 -11.84 20.08 3.34
C LYS A 102 -10.48 20.76 3.48
N CYS A 103 -9.95 21.23 2.35
CA CYS A 103 -8.71 21.99 2.36
C CYS A 103 -8.88 23.35 1.68
N HIS A 104 -8.99 24.41 2.49
CA HIS A 104 -9.05 25.76 1.96
C HIS A 104 -8.29 26.73 2.85
N TYR A 105 -7.75 27.79 2.24
CA TYR A 105 -7.00 28.81 2.96
C TYR A 105 -7.46 30.20 2.51
N GLU A 106 -7.82 31.04 3.48
CA GLU A 106 -8.36 32.36 3.17
C GLU A 106 -7.51 33.48 3.78
N ARG A 107 -7.25 34.52 2.99
CA ARG A 107 -6.55 35.69 3.49
C ARG A 107 -7.41 36.95 3.35
N CYS A 129 -13.83 46.44 -0.17
CA CYS A 129 -12.80 45.54 0.32
C CYS A 129 -12.83 44.20 -0.40
N THR A 130 -11.71 43.49 -0.42
CA THR A 130 -11.62 42.20 -1.10
C THR A 130 -11.02 41.09 -0.22
N ALA A 131 -11.25 39.84 -0.63
CA ALA A 131 -10.69 38.68 0.05
C ALA A 131 -10.20 37.65 -0.98
N CYS A 132 -9.34 36.74 -0.54
CA CYS A 132 -8.78 35.74 -1.42
C CYS A 132 -8.95 34.35 -0.84
N GLY A 133 -9.32 33.39 -1.68
CA GLY A 133 -9.56 32.05 -1.21
C GLY A 133 -8.95 30.96 -2.07
N LEU A 134 -8.03 30.22 -1.49
CA LEU A 134 -7.55 29.00 -2.11
C LEU A 134 -8.39 27.85 -1.61
N TYR A 135 -8.70 26.89 -2.48
CA TYR A 135 -9.33 25.65 -2.03
C TYR A 135 -8.98 24.49 -2.96
N LEU A 136 -8.88 23.30 -2.38
CA LEU A 136 -8.53 22.10 -3.12
C LEU A 136 -9.76 21.35 -3.60
N ASP A 137 -9.80 21.08 -4.91
CA ASP A 137 -10.92 20.41 -5.52
C ASP A 137 -10.45 19.19 -6.30
N GLN A 138 -11.40 18.39 -6.77
CA GLN A 138 -11.12 17.20 -7.57
C GLN A 138 -10.17 16.26 -6.84
N LEU A 139 -10.41 16.08 -5.55
CA LEU A 139 -9.58 15.20 -4.75
C LEU A 139 -9.82 13.74 -5.12
N LYS A 140 -8.76 13.10 -5.59
CA LYS A 140 -8.82 11.70 -5.97
C LYS A 140 -7.59 10.95 -5.40
N PRO A 141 -7.83 9.82 -4.71
CA PRO A 141 -6.72 9.02 -4.20
C PRO A 141 -5.95 8.30 -5.30
N VAL A 142 -4.62 8.30 -5.21
CA VAL A 142 -3.79 7.67 -6.23
C VAL A 142 -2.96 6.51 -5.74
N GLY A 143 -2.82 6.38 -4.42
CA GLY A 143 -2.04 5.28 -3.87
C GLY A 143 -1.95 5.18 -2.37
N SER A 144 -1.44 4.04 -1.90
CA SER A 144 -1.23 3.82 -0.47
C SER A 144 0.28 3.84 -0.26
N ALA A 145 0.72 4.56 0.76
CA ALA A 145 2.14 4.78 0.96
C ALA A 145 2.62 4.13 2.24
N TYR A 146 3.86 3.66 2.21
CA TYR A 146 4.48 2.93 3.31
C TYR A 146 5.93 3.32 3.51
N LYS A 147 6.24 3.70 4.74
CA LYS A 147 7.59 4.06 5.15
C LYS A 147 8.37 2.81 5.53
N ILE A 148 9.51 2.59 4.86
CA ILE A 148 10.39 1.46 5.14
C ILE A 148 11.12 1.62 6.47
N ILE A 149 11.00 0.61 7.34
CA ILE A 149 11.76 0.63 8.58
C ILE A 149 13.04 -0.22 8.47
N THR A 150 12.89 -1.45 7.99
CA THR A 150 14.01 -2.37 7.82
C THR A 150 13.76 -3.29 6.62
N ILE A 151 14.82 -3.61 5.89
CA ILE A 151 14.69 -4.51 4.74
C ILE A 151 15.56 -5.74 4.92
N ARG A 152 15.17 -6.84 4.26
CA ARG A 152 15.89 -8.11 4.37
C ARG A 152 15.77 -8.91 3.08
N TYR A 153 16.88 -9.16 2.38
CA TYR A 153 16.74 -10.00 1.21
C TYR A 153 17.15 -11.42 1.54
N SER A 154 16.23 -12.37 1.30
CA SER A 154 16.47 -13.81 1.42
C SER A 154 16.67 -14.55 0.10
N ARG A 155 17.37 -15.68 0.15
CA ARG A 155 17.34 -16.69 -0.92
C ARG A 155 17.37 -18.09 -0.32
N ARG A 156 16.54 -18.99 -0.85
CA ARG A 156 16.61 -20.40 -0.48
C ARG A 156 17.75 -21.12 -1.20
N VAL A 157 18.54 -21.86 -0.42
CA VAL A 157 19.72 -22.54 -0.93
C VAL A 157 19.72 -24.03 -0.60
N CYS A 158 19.85 -24.87 -1.63
CA CYS A 158 19.93 -26.31 -1.43
C CYS A 158 21.29 -26.81 -1.90
N VAL A 159 21.97 -27.56 -1.05
CA VAL A 159 23.26 -28.12 -1.41
C VAL A 159 23.30 -29.63 -1.22
N GLN A 160 23.66 -30.33 -2.29
CA GLN A 160 23.94 -31.75 -2.17
C GLN A 160 25.44 -31.96 -2.30
N PHE A 161 26.00 -32.62 -1.30
CA PHE A 161 27.40 -32.98 -1.31
C PHE A 161 27.48 -34.47 -0.98
N GLY A 162 27.74 -35.30 -1.99
CA GLY A 162 27.68 -36.73 -1.81
C GLY A 162 26.26 -37.19 -1.53
N GLU A 163 26.04 -37.96 -0.49
CA GLU A 163 24.68 -38.36 -0.15
C GLU A 163 23.96 -37.41 0.80
N GLU A 164 24.69 -36.39 1.29
CA GLU A 164 24.10 -35.30 2.06
C GLU A 164 23.33 -34.26 1.26
N ASN A 165 22.11 -33.96 1.68
CA ASN A 165 21.36 -32.87 1.07
C ASN A 165 20.70 -32.03 2.16
N LEU A 166 20.93 -30.72 2.09
CA LEU A 166 20.41 -29.78 3.10
C LEU A 166 19.97 -28.49 2.43
N CYS A 167 18.77 -28.02 2.76
CA CYS A 167 18.28 -26.73 2.31
C CYS A 167 18.05 -25.71 3.43
N LYS A 168 18.37 -24.45 3.15
CA LYS A 168 18.19 -23.38 4.12
C LYS A 168 17.84 -22.07 3.42
N ILE A 169 16.99 -21.23 4.03
CA ILE A 169 16.81 -19.88 3.50
C ILE A 169 17.86 -18.97 4.11
N ILE A 170 18.72 -18.40 3.28
CA ILE A 170 19.82 -17.57 3.80
C ILE A 170 19.58 -16.07 3.58
N ASP A 171 20.29 -15.28 4.37
CA ASP A 171 20.31 -13.83 4.33
C ASP A 171 21.76 -13.38 4.59
N MET A 172 22.04 -12.11 4.36
CA MET A 172 23.35 -11.54 4.68
C MET A 172 23.85 -11.76 6.11
N ASN A 173 22.95 -11.88 7.08
CA ASN A 173 23.38 -12.14 8.45
C ASN A 173 23.33 -13.62 8.82
N ASP A 174 23.16 -14.49 7.82
CA ASP A 174 23.12 -15.93 8.10
C ASP A 174 23.51 -16.81 6.91
N CYS A 175 24.82 -16.92 6.70
CA CYS A 175 25.45 -17.94 5.85
C CYS A 175 24.89 -19.36 5.96
N PHE A 176 24.88 -20.05 4.83
CA PHE A 176 24.63 -21.49 4.84
C PHE A 176 25.94 -22.17 5.18
N VAL A 177 25.86 -23.00 6.22
CA VAL A 177 27.03 -23.70 6.74
C VAL A 177 26.82 -25.20 6.80
N SER A 178 27.76 -25.93 6.21
CA SER A 178 27.80 -27.38 6.33
C SER A 178 29.26 -27.77 6.53
N ARG A 179 29.51 -29.05 6.72
CA ARG A 179 30.87 -29.52 6.96
C ARG A 179 31.82 -29.22 5.81
N HIS A 180 31.31 -29.26 4.59
CA HIS A 180 32.19 -29.13 3.43
C HIS A 180 31.91 -27.93 2.54
N VAL A 181 30.76 -27.29 2.73
CA VAL A 181 30.33 -26.19 1.86
C VAL A 181 29.74 -25.01 2.63
N LYS A 182 30.21 -23.81 2.32
CA LYS A 182 29.61 -22.60 2.87
C LYS A 182 28.99 -21.74 1.77
N VAL A 183 27.76 -21.25 1.98
CA VAL A 183 27.14 -20.30 1.05
C VAL A 183 26.68 -19.03 1.77
N CYS A 184 27.34 -17.96 1.38
CA CYS A 184 27.23 -16.58 1.82
C CYS A 184 26.71 -15.54 0.85
N ILE A 185 25.92 -14.61 1.36
CA ILE A 185 25.42 -13.57 0.49
C ILE A 185 26.19 -12.45 1.11
N ILE A 186 26.97 -11.81 0.25
CA ILE A 186 27.83 -10.69 0.60
C ILE A 186 27.05 -9.42 0.80
N GLY A 187 26.05 -9.24 -0.06
CA GLY A 187 25.20 -8.09 0.02
C GLY A 187 24.47 -7.90 -1.29
N THR A 188 23.56 -6.94 -1.35
CA THR A 188 22.77 -6.72 -2.55
C THR A 188 22.87 -5.27 -3.02
N VAL A 189 22.89 -5.08 -4.32
CA VAL A 189 22.75 -3.75 -4.91
C VAL A 189 21.26 -3.45 -5.10
N SER A 190 20.77 -2.45 -4.36
CA SER A 190 19.32 -2.25 -4.28
C SER A 190 18.89 -0.79 -4.41
N LYS A 191 17.78 -0.60 -5.12
CA LYS A 191 17.18 0.72 -5.28
C LYS A 191 16.35 1.10 -4.06
N PHE A 192 16.13 0.13 -3.18
CA PHE A 192 15.43 0.35 -1.92
C PHE A 192 16.42 0.67 -0.82
N SER A 193 15.97 1.43 0.18
CA SER A 193 16.80 1.75 1.34
C SER A 193 15.95 1.98 2.59
N GLN A 194 16.60 2.12 3.73
CA GLN A 194 15.90 2.43 4.97
C GLN A 194 15.48 3.89 4.96
N GLY A 195 14.26 4.15 5.41
CA GLY A 195 13.74 5.50 5.45
C GLY A 195 13.08 5.92 4.16
N ASP A 196 13.37 5.20 3.08
CA ASP A 196 12.65 5.38 1.83
C ASP A 196 11.16 5.18 2.01
N THR A 197 10.36 5.81 1.15
CA THR A 197 8.93 5.59 1.12
C THR A 197 8.45 4.92 -0.16
N LEU A 198 7.72 3.83 0.00
CA LEU A 198 7.13 3.06 -1.11
C LEU A 198 5.68 3.46 -1.39
N LEU A 199 5.38 3.68 -2.66
CA LEU A 199 4.05 4.07 -3.11
C LEU A 199 3.47 2.97 -4.00
N PHE A 200 2.28 2.50 -3.66
CA PHE A 200 1.54 1.52 -4.44
C PHE A 200 0.31 2.07 -5.12
N PHE A 201 0.30 1.96 -6.45
CA PHE A 201 -0.77 2.49 -7.27
C PHE A 201 -1.86 1.44 -7.25
N GLY A 202 -3.11 1.83 -7.45
CA GLY A 202 -4.20 0.86 -7.43
C GLY A 202 -4.60 0.39 -8.81
N PRO A 203 -4.56 -0.94 -9.07
CA PRO A 203 -4.22 -2.04 -8.16
C PRO A 203 -2.71 -2.21 -7.96
N LEU A 204 -2.31 -2.72 -6.80
CA LEU A 204 -0.90 -2.77 -6.41
C LEU A 204 -0.19 -3.98 -7.01
N GLY A 207 1.75 -1.49 -10.09
CA GLY A 207 2.43 -0.22 -9.99
C GLY A 207 3.28 -0.05 -8.74
N GLY A 208 4.12 0.98 -8.74
CA GLY A 208 4.90 1.31 -7.56
C GLY A 208 6.11 2.19 -7.80
N LEU A 209 6.27 3.22 -6.97
CA LEU A 209 7.41 4.14 -7.03
C LEU A 209 8.22 4.18 -5.73
N ILE A 210 9.53 4.40 -5.85
CA ILE A 210 10.40 4.59 -4.69
C ILE A 210 10.65 6.10 -4.56
N PHE A 211 10.40 6.62 -3.36
CA PHE A 211 10.71 8.00 -3.01
C PHE A 211 11.77 8.13 -1.94
N LYS A 212 12.80 8.95 -2.19
CA LYS A 212 13.88 9.04 -1.22
C LYS A 212 13.60 10.21 -0.28
N HIS A 213 12.63 11.03 -0.66
CA HIS A 213 12.28 12.25 0.07
C HIS A 213 10.76 12.33 0.22
N TRP A 214 10.26 12.05 1.41
CA TRP A 214 8.83 12.15 1.66
C TRP A 214 8.50 13.09 2.80
N CYS A 215 7.50 13.95 2.58
CA CYS A 215 7.16 15.00 3.53
C CYS A 215 6.52 14.28 4.70
N THR A 216 6.70 14.79 5.91
CA THR A 216 6.16 14.10 7.07
C THR A 216 5.37 15.10 7.87
N SER A 217 6.00 15.96 8.66
CA SER A 217 5.21 16.87 9.48
C SER A 217 4.63 18.00 8.61
N THR A 218 5.46 18.97 8.27
CA THR A 218 5.04 20.00 7.32
C THR A 218 5.21 19.55 5.87
N CYS A 219 4.05 19.53 5.22
CA CYS A 219 3.83 19.26 3.81
C CYS A 219 3.34 20.53 3.10
N GLN A 220 4.08 20.99 2.09
CA GLN A 220 3.60 22.11 1.31
C GLN A 220 3.09 21.55 0.00
N PHE A 221 2.07 22.20 -0.55
CA PHE A 221 1.46 21.78 -1.80
C PHE A 221 2.47 21.73 -2.92
N GLY A 222 2.57 20.57 -3.55
CA GLY A 222 3.57 20.33 -4.58
C GLY A 222 4.62 19.33 -4.16
N ASP A 223 4.68 19.02 -2.86
CA ASP A 223 5.67 18.08 -2.34
C ASP A 223 5.20 16.66 -2.63
N PRO A 224 6.14 15.72 -2.78
CA PRO A 224 5.71 14.32 -2.69
C PRO A 224 5.07 14.04 -1.33
N GLY A 225 3.87 13.47 -1.33
CA GLY A 225 3.17 13.23 -0.08
C GLY A 225 2.36 14.41 0.44
N ASP A 226 2.17 15.43 -0.38
CA ASP A 226 1.56 16.68 0.06
C ASP A 226 0.14 16.52 0.61
N ILE A 227 -0.72 15.74 -0.06
CA ILE A 227 -2.10 15.61 0.38
C ILE A 227 -2.32 14.17 0.84
N MET A 228 -2.41 13.98 2.16
CA MET A 228 -2.55 12.66 2.78
C MET A 228 -3.81 12.41 3.60
N SER A 229 -4.30 11.17 3.55
CA SER A 229 -5.32 10.70 4.48
C SER A 229 -4.84 9.51 5.30
N PRO A 230 -4.01 9.78 6.34
CA PRO A 230 -3.54 8.69 7.19
C PRO A 230 -4.66 8.17 8.07
N ARG A 231 -4.63 6.87 8.39
CA ARG A 231 -5.66 6.24 9.23
C ARG A 231 -7.08 6.33 8.65
N ASP A 232 -7.25 7.09 7.57
CA ASP A 232 -8.56 7.38 6.98
C ASP A 232 -9.43 8.22 7.92
N LYS A 233 -8.96 8.43 9.15
CA LYS A 233 -9.73 9.10 10.18
C LYS A 233 -10.03 10.56 9.82
N GLY A 234 -9.04 11.26 9.30
CA GLY A 234 -9.21 12.66 8.94
C GLY A 234 -8.54 13.01 7.63
N PHE A 235 -8.42 14.30 7.38
CA PHE A 235 -7.79 14.81 6.16
C PHE A 235 -6.66 15.76 6.51
N LEU A 236 -5.45 15.43 6.07
CA LEU A 236 -4.27 16.25 6.38
C LEU A 236 -3.95 17.21 5.24
N CYS A 237 -4.23 18.49 5.43
CA CYS A 237 -4.08 19.45 4.34
C CYS A 237 -2.66 20.00 4.26
N PRO A 238 -2.21 20.26 3.03
CA PRO A 238 -0.90 20.86 2.78
C PRO A 238 -0.93 22.36 3.06
N GLU A 239 0.24 22.97 3.22
CA GLU A 239 0.28 24.42 3.42
C GLU A 239 0.53 25.12 2.10
N PHE A 240 0.32 26.42 2.08
CA PHE A 240 0.49 27.20 0.86
C PHE A 240 1.38 28.41 1.15
N PRO A 241 2.70 28.22 1.05
CA PRO A 241 3.70 29.23 1.43
C PRO A 241 3.73 30.44 0.50
N GLY A 242 2.95 30.40 -0.58
CA GLY A 242 2.90 31.50 -1.52
C GLY A 242 2.27 32.76 -0.93
N SER A 243 2.43 33.87 -1.63
CA SER A 243 1.90 35.15 -1.17
C SER A 243 0.75 35.62 -2.06
N PHE A 244 -0.19 36.35 -1.46
CA PHE A 244 -1.29 36.91 -2.23
C PHE A 244 -0.97 38.34 -2.67
N ARG A 245 -0.91 38.56 -3.97
CA ARG A 245 -0.66 39.89 -4.53
C ARG A 245 -1.97 40.55 -4.97
N LYS A 246 -2.56 41.31 -4.05
CA LYS A 246 -3.84 41.96 -4.31
C LYS A 246 -3.72 43.10 -5.31
N LYS A 247 -4.13 42.84 -6.56
CA LYS A 247 -4.23 43.87 -7.58
C LYS A 247 -5.51 44.67 -7.35
N CYS A 248 -5.37 45.96 -7.04
CA CYS A 248 -6.53 46.78 -6.69
C CYS A 248 -6.66 48.04 -7.53
N ASN A 249 -7.84 48.24 -8.12
CA ASN A 249 -8.23 49.50 -8.75
C ASN A 249 -9.68 49.52 -9.23
N PHE A 250 -10.03 50.57 -9.94
CA PHE A 250 -11.41 50.82 -10.36
C PHE A 250 -11.70 50.37 -11.79
N ALA A 251 -12.94 49.96 -12.02
CA ALA A 251 -13.45 49.53 -13.33
C ALA A 251 -12.81 48.23 -13.83
N THR A 252 -11.49 48.11 -13.72
CA THR A 252 -10.80 46.91 -14.19
C THR A 252 -11.16 45.69 -13.36
N THR A 253 -11.72 45.93 -12.17
CA THR A 253 -12.02 44.92 -11.15
C THR A 253 -10.74 44.26 -10.62
N PRO A 254 -10.70 44.02 -9.31
CA PRO A 254 -9.49 43.48 -8.68
C PRO A 254 -9.25 42.01 -9.00
N ILE A 255 -8.00 41.58 -8.88
CA ILE A 255 -7.64 40.17 -9.02
C ILE A 255 -6.71 39.74 -7.88
N CYS A 256 -7.01 38.61 -7.26
CA CYS A 256 -6.08 38.00 -6.32
C CYS A 256 -5.07 37.16 -7.08
N GLU A 257 -3.79 37.35 -6.81
CA GLU A 257 -2.73 36.64 -7.53
C GLU A 257 -1.77 35.89 -6.60
N TYR A 258 -1.99 34.59 -6.47
CA TYR A 258 -1.15 33.71 -5.65
C TYR A 258 0.11 33.31 -6.43
N ASP A 259 1.28 33.53 -5.85
CA ASP A 259 2.53 33.32 -6.56
C ASP A 259 3.28 32.04 -6.17
N GLY A 260 2.68 31.24 -5.29
CA GLY A 260 3.30 29.98 -4.88
C GLY A 260 3.18 28.92 -5.95
N ASN A 261 3.34 27.65 -5.56
CA ASN A 261 3.24 26.57 -6.53
C ASN A 261 1.79 26.16 -6.76
N MET A 262 1.43 26.00 -8.04
CA MET A 262 0.04 25.66 -8.41
C MET A 262 -0.14 24.19 -8.76
N VAL A 263 0.95 23.47 -8.96
CA VAL A 263 0.92 22.08 -9.43
C VAL A 263 1.05 21.08 -8.30
N SER A 264 0.11 20.14 -8.22
CA SER A 264 0.08 19.16 -7.14
C SER A 264 1.33 18.28 -7.15
N GLY A 265 1.68 17.72 -5.99
CA GLY A 265 2.78 16.79 -5.94
C GLY A 265 2.67 15.60 -6.87
N TYR A 266 1.46 15.04 -7.01
CA TYR A 266 1.25 13.89 -7.88
C TYR A 266 1.56 14.23 -9.34
N LYS A 267 1.06 15.38 -9.78
CA LYS A 267 1.31 15.84 -11.13
C LYS A 267 2.79 16.08 -11.40
N LYS A 268 3.49 16.62 -10.40
CA LYS A 268 4.92 16.92 -10.56
C LYS A 268 5.68 15.63 -10.71
N VAL A 269 5.26 14.60 -9.99
CA VAL A 269 5.93 13.32 -10.10
C VAL A 269 5.68 12.71 -11.47
N MET A 270 4.45 12.77 -11.96
CA MET A 270 4.16 12.15 -13.26
C MET A 270 4.85 12.88 -14.40
N ALA A 271 5.02 14.18 -14.22
CA ALA A 271 5.71 15.07 -15.16
C ALA A 271 7.22 14.89 -15.24
N THR A 272 7.79 14.26 -14.22
CA THR A 272 9.21 13.95 -14.17
C THR A 272 9.41 12.52 -13.73
N ILE A 273 8.60 11.63 -14.29
CA ILE A 273 8.53 10.27 -13.82
C ILE A 273 9.88 9.56 -13.90
N ASP A 274 10.71 9.94 -14.86
CA ASP A 274 12.01 9.28 -15.00
C ASP A 274 12.97 9.61 -13.86
N SER A 275 12.63 10.59 -13.04
CA SER A 275 13.48 10.90 -11.89
C SER A 275 13.27 9.90 -10.78
N PHE A 276 12.22 9.10 -10.92
CA PHE A 276 11.82 8.19 -9.86
C PHE A 276 11.98 6.73 -10.29
N GLN A 277 12.24 5.84 -9.33
CA GLN A 277 12.52 4.45 -9.69
C GLN A 277 11.19 3.73 -9.61
N SER A 278 10.73 3.10 -10.69
CA SER A 278 9.53 2.28 -10.56
C SER A 278 9.87 0.86 -10.13
N PHE A 279 8.92 0.16 -9.50
CA PHE A 279 9.09 -1.26 -9.33
C PHE A 279 7.80 -2.01 -9.63
N ASN A 280 7.94 -3.29 -9.97
CA ASN A 280 6.80 -4.16 -10.21
C ASN A 280 6.83 -5.20 -9.10
N THR A 281 5.71 -5.87 -8.84
CA THR A 281 5.66 -6.80 -7.74
C THR A 281 4.95 -8.11 -8.10
N SER A 282 5.45 -9.21 -7.54
CA SER A 282 4.86 -10.53 -7.75
C SER A 282 5.00 -11.37 -6.49
N THR A 283 4.08 -12.32 -6.32
CA THR A 283 4.00 -13.15 -5.12
C THR A 283 3.98 -12.29 -3.86
N MET A 284 2.98 -11.42 -3.78
CA MET A 284 2.83 -10.50 -2.65
C MET A 284 2.44 -11.21 -1.36
N HIS A 285 2.69 -10.55 -0.23
CA HIS A 285 2.28 -11.05 1.08
C HIS A 285 2.14 -9.86 2.04
N PHE A 286 1.02 -9.16 1.95
CA PHE A 286 0.77 -7.96 2.73
C PHE A 286 0.21 -8.29 4.13
N THR A 287 1.09 -8.30 5.12
CA THR A 287 0.69 -8.59 6.50
C THR A 287 0.56 -7.30 7.31
N ASP A 288 -0.08 -6.30 6.69
CA ASP A 288 -0.43 -5.04 7.35
C ASP A 288 0.80 -4.18 7.74
N GLU A 289 1.69 -4.73 8.57
CA GLU A 289 2.89 -4.00 8.97
C GLU A 289 4.17 -4.68 8.48
N ARG A 290 4.01 -5.52 7.47
CA ARG A 290 5.14 -6.17 6.82
C ARG A 290 4.76 -6.50 5.38
N ILE A 291 5.68 -6.33 4.45
CA ILE A 291 5.42 -6.69 3.07
C ILE A 291 6.56 -7.53 2.50
N GLU A 292 6.22 -8.75 2.09
CA GLU A 292 7.20 -9.63 1.48
C GLU A 292 6.77 -9.93 0.04
N TRP A 293 7.71 -9.84 -0.90
CA TRP A 293 7.40 -10.17 -2.28
C TRP A 293 8.65 -10.56 -3.06
N LYS A 294 8.45 -11.01 -4.30
CA LYS A 294 9.56 -11.32 -5.17
C LYS A 294 9.60 -10.36 -6.35
N ASP A 295 10.75 -9.72 -6.55
CA ASP A 295 10.92 -8.82 -7.68
C ASP A 295 11.01 -9.61 -8.99
N PRO A 296 10.11 -9.32 -9.94
CA PRO A 296 9.94 -10.15 -11.15
C PRO A 296 10.80 -9.76 -12.34
N ASP A 297 11.40 -8.58 -12.30
CA ASP A 297 12.20 -8.10 -13.42
C ASP A 297 13.40 -7.32 -12.93
N GLY A 298 14.53 -7.79 -13.43
CA GLY A 298 15.86 -7.31 -13.10
C GLY A 298 15.92 -6.72 -11.74
N MET A 299 16.22 -5.44 -11.74
CA MET A 299 16.27 -4.59 -10.58
C MET A 299 17.31 -4.77 -9.50
N LEU A 300 17.32 -5.88 -8.80
CA LEU A 300 18.34 -6.01 -7.78
C LEU A 300 19.25 -7.16 -8.15
N ARG A 301 20.51 -7.08 -7.76
CA ARG A 301 21.41 -8.20 -7.86
C ARG A 301 22.01 -8.44 -6.49
N ASP A 302 22.50 -9.64 -6.23
CA ASP A 302 23.27 -9.85 -5.02
C ASP A 302 24.55 -10.57 -5.34
N HIS A 303 25.42 -10.63 -4.34
CA HIS A 303 26.73 -11.20 -4.53
C HIS A 303 26.69 -12.51 -3.80
N ILE A 304 27.14 -13.55 -4.48
CA ILE A 304 27.13 -14.88 -3.92
C ILE A 304 28.57 -15.33 -3.85
N ASN A 305 28.94 -15.84 -2.68
CA ASN A 305 30.22 -16.47 -2.52
C ASN A 305 30.03 -17.89 -2.04
N ILE A 306 30.68 -18.81 -2.75
CA ILE A 306 30.58 -20.23 -2.46
C ILE A 306 31.97 -20.78 -2.20
N LEU A 307 32.16 -21.37 -1.03
CA LEU A 307 33.44 -21.95 -0.69
C LEU A 307 33.31 -23.44 -0.37
N VAL A 308 34.20 -24.25 -0.94
CA VAL A 308 34.12 -25.69 -0.76
C VAL A 308 35.46 -26.23 -0.25
N THR A 309 35.45 -26.70 0.99
CA THR A 309 36.68 -27.11 1.68
C THR A 309 37.42 -28.24 0.98
N LYS A 310 38.75 -28.12 0.98
CA LYS A 310 39.63 -29.13 0.40
C LYS A 310 39.72 -30.39 1.26
N ASP A 311 39.54 -30.22 2.57
CA ASP A 311 39.60 -31.35 3.50
C ASP A 311 38.40 -32.26 3.31
N ILE A 312 38.55 -33.24 2.42
CA ILE A 312 37.48 -34.17 2.16
C ILE A 312 37.94 -35.63 2.19
N ASP A 313 37.18 -36.47 2.88
CA ASP A 313 37.45 -37.89 2.88
C ASP A 313 36.80 -38.54 1.67
N PHE A 314 37.57 -38.69 0.59
CA PHE A 314 37.04 -39.26 -0.66
C PHE A 314 36.70 -40.75 -0.51
N ASP A 315 37.29 -41.40 0.48
CA ASP A 315 36.83 -42.71 0.91
C ASP A 315 35.58 -42.50 1.76
N ASN A 316 34.71 -43.49 1.82
CA ASN A 316 33.44 -43.42 2.56
C ASN A 316 32.44 -42.40 1.98
N LEU A 317 32.88 -41.15 1.80
CA LEU A 317 31.99 -40.09 1.32
C LEU A 317 31.85 -40.04 -0.20
N GLY A 318 32.88 -40.50 -0.91
CA GLY A 318 32.92 -40.39 -2.35
C GLY A 318 32.55 -41.65 -3.10
N GLU A 319 32.68 -41.59 -4.43
CA GLU A 319 32.35 -42.73 -5.29
C GLU A 319 33.53 -43.06 -6.21
N ASN A 320 33.47 -44.23 -6.84
CA ASN A 320 34.48 -44.65 -7.81
C ASN A 320 33.85 -45.68 -8.73
N PRO A 321 34.08 -45.58 -10.06
CA PRO A 321 33.26 -46.56 -10.76
C PRO A 321 33.90 -47.95 -10.76
N CYS A 322 34.99 -48.01 -10.02
CA CYS A 322 35.87 -49.15 -9.92
C CYS A 322 35.19 -50.08 -8.93
N LYS A 323 35.35 -51.39 -9.06
CA LYS A 323 34.66 -52.20 -8.08
C LYS A 323 35.77 -53.01 -7.50
N ILE A 324 35.73 -53.04 -6.18
CA ILE A 324 36.79 -53.60 -5.40
C ILE A 324 36.16 -54.69 -4.59
N GLY A 325 36.80 -55.85 -4.62
CA GLY A 325 36.48 -56.93 -3.73
C GLY A 325 37.61 -57.20 -2.79
N LEU A 326 37.25 -57.61 -1.58
CA LEU A 326 38.23 -57.76 -0.53
C LEU A 326 38.00 -59.13 0.06
N GLN A 327 39.09 -59.81 0.36
CA GLN A 327 38.99 -60.95 1.26
C GLN A 327 40.21 -61.12 2.09
N THR A 328 40.02 -61.61 3.32
CA THR A 328 41.13 -61.93 4.18
C THR A 328 41.73 -63.22 3.64
N SER A 329 43.03 -63.35 3.78
CA SER A 329 43.70 -64.56 3.36
C SER A 329 44.33 -65.29 4.53
N SER A 330 45.02 -64.51 5.36
CA SER A 330 45.78 -65.01 6.48
C SER A 330 46.13 -63.89 7.47
N ILE A 331 46.72 -64.26 8.60
CA ILE A 331 47.11 -63.29 9.61
C ILE A 331 48.36 -63.78 10.34
N GLU A 332 49.14 -62.84 10.85
CA GLU A 332 50.28 -63.12 11.72
C GLU A 332 50.40 -62.02 12.75
N GLY A 333 51.14 -62.27 13.83
CA GLY A 333 51.22 -61.27 14.87
C GLY A 333 50.20 -61.48 15.96
N ALA A 334 50.07 -60.48 16.83
CA ALA A 334 49.40 -60.59 18.10
C ALA A 334 48.43 -59.42 18.19
N TRP A 335 47.32 -59.62 18.87
CA TRP A 335 46.49 -58.50 19.27
C TRP A 335 47.03 -57.75 20.48
N GLY A 336 46.46 -56.56 20.70
CA GLY A 336 46.78 -55.71 21.83
C GLY A 336 48.23 -55.27 21.82
N SER A 337 48.63 -54.54 22.85
CA SER A 337 49.90 -53.82 22.86
C SER A 337 51.13 -54.72 22.68
N GLY A 338 52.05 -54.28 21.83
CA GLY A 338 53.31 -54.98 21.68
C GLY A 338 53.93 -54.93 20.30
N VAL A 339 53.97 -56.08 19.65
CA VAL A 339 54.45 -56.20 18.27
C VAL A 339 53.35 -55.86 17.27
N GLY A 340 52.16 -56.37 17.55
CA GLY A 340 50.97 -55.98 16.81
C GLY A 340 50.81 -57.06 15.76
N PHE A 341 50.00 -56.82 14.73
CA PHE A 341 49.80 -57.87 13.74
C PHE A 341 49.93 -57.42 12.29
N THR A 342 49.95 -58.39 11.39
CA THR A 342 49.91 -58.10 9.96
C THR A 342 48.88 -59.00 9.31
N LEU A 343 47.91 -58.36 8.67
CA LEU A 343 46.82 -59.01 7.96
C LEU A 343 47.07 -59.05 6.45
N THR A 344 46.99 -60.24 5.84
CA THR A 344 47.17 -60.32 4.39
C THR A 344 45.81 -60.37 3.70
N CYS A 345 45.62 -59.46 2.74
CA CYS A 345 44.35 -59.33 2.03
C CYS A 345 44.45 -59.58 0.53
N LEU A 346 43.43 -60.22 -0.03
CA LEU A 346 43.32 -60.37 -1.48
C LEU A 346 42.32 -59.36 -2.04
N VAL A 347 42.80 -58.50 -2.93
CA VAL A 347 41.98 -57.37 -3.37
C VAL A 347 41.84 -57.34 -4.89
N SER A 348 40.60 -57.37 -5.34
CA SER A 348 40.29 -57.36 -6.77
C SER A 348 39.82 -56.02 -7.30
N LEU A 349 40.44 -55.55 -8.39
CA LEU A 349 40.07 -54.31 -9.06
C LEU A 349 39.40 -54.60 -10.40
N THR A 350 38.23 -54.02 -10.67
CA THR A 350 37.71 -54.09 -12.02
C THR A 350 37.30 -52.74 -12.58
N GLU A 351 37.16 -52.66 -13.91
CA GLU A 351 36.66 -51.49 -14.64
C GLU A 351 37.65 -50.34 -14.71
N CYS A 352 38.91 -50.61 -14.35
CA CYS A 352 39.98 -49.63 -14.53
C CYS A 352 41.32 -50.34 -14.41
N PRO A 353 42.38 -49.73 -14.96
CA PRO A 353 43.63 -50.48 -15.00
C PRO A 353 44.40 -50.34 -13.64
N THR A 354 44.29 -49.18 -12.98
CA THR A 354 44.93 -48.99 -11.65
C THR A 354 44.10 -48.08 -10.77
N PHE A 355 44.31 -48.19 -9.45
CA PHE A 355 43.56 -47.38 -8.51
C PHE A 355 44.41 -47.21 -7.24
N LEU A 356 44.74 -45.97 -6.90
CA LEU A 356 45.49 -45.66 -5.68
C LEU A 356 44.59 -45.37 -4.48
N THR A 357 44.73 -46.17 -3.43
CA THR A 357 43.80 -46.13 -2.31
C THR A 357 44.46 -46.64 -1.03
N SER A 358 43.65 -46.86 -0.01
CA SER A 358 44.17 -47.47 1.21
C SER A 358 43.31 -48.66 1.57
N ILE A 359 43.98 -49.72 1.98
CA ILE A 359 43.32 -50.91 2.49
C ILE A 359 43.58 -51.03 3.97
N LYS A 360 42.53 -51.32 4.74
CA LYS A 360 42.62 -51.22 6.18
C LYS A 360 42.37 -52.56 6.85
N ALA A 361 42.95 -52.72 8.05
CA ALA A 361 42.64 -53.85 8.92
C ALA A 361 41.72 -53.34 10.02
N CYS A 362 40.50 -53.84 10.01
CA CYS A 362 39.47 -53.36 10.92
C CYS A 362 38.67 -54.50 11.53
N ASP A 363 38.04 -54.18 12.65
CA ASP A 363 37.10 -55.08 13.29
C ASP A 363 35.96 -54.32 13.90
N LYS A 364 34.77 -54.77 13.54
CA LYS A 364 33.52 -54.22 14.02
C LYS A 364 33.49 -52.69 13.96
N ALA A 365 33.86 -52.18 12.78
CA ALA A 365 33.83 -50.76 12.44
C ALA A 365 34.82 -49.90 13.25
N ILE A 366 35.71 -50.56 13.99
CA ILE A 366 36.91 -49.90 14.49
C ILE A 366 38.11 -50.34 13.63
N CYS A 367 38.90 -49.37 13.17
CA CYS A 367 40.11 -49.67 12.41
C CYS A 367 41.35 -49.70 13.29
N TYR A 368 42.30 -50.58 12.97
CA TYR A 368 43.52 -50.71 13.76
C TYR A 368 44.78 -50.49 12.95
N GLY A 369 44.64 -50.32 11.63
CA GLY A 369 45.79 -50.14 10.77
C GLY A 369 45.38 -49.93 9.33
N ALA A 370 46.25 -49.33 8.53
CA ALA A 370 45.94 -49.14 7.12
C ALA A 370 47.19 -49.11 6.25
N GLU A 371 47.05 -49.63 5.04
CA GLU A 371 48.12 -49.65 4.06
C GLU A 371 47.71 -48.97 2.75
N SER A 372 48.45 -47.94 2.35
CA SER A 372 48.29 -47.32 1.03
C SER A 372 48.93 -48.18 -0.06
N VAL A 373 48.23 -48.31 -1.18
CA VAL A 373 48.65 -49.22 -2.25
C VAL A 373 48.09 -48.78 -3.60
N THR A 374 48.89 -48.96 -4.65
CA THR A 374 48.38 -48.85 -6.00
C THR A 374 48.00 -50.22 -6.54
N LEU A 375 46.70 -50.44 -6.64
CA LEU A 375 46.16 -51.70 -7.12
C LEU A 375 46.20 -51.81 -8.64
N THR A 376 46.36 -53.03 -9.13
CA THR A 376 46.28 -53.30 -10.56
C THR A 376 45.02 -54.12 -10.84
N ARG A 377 44.45 -53.98 -12.04
CA ARG A 377 43.27 -54.73 -12.46
C ARG A 377 43.46 -56.21 -12.17
N GLY A 378 42.45 -56.89 -11.63
CA GLY A 378 42.60 -58.30 -11.29
C GLY A 378 42.92 -58.45 -9.81
N GLN A 379 43.65 -59.51 -9.44
CA GLN A 379 43.98 -59.79 -8.03
C GLN A 379 45.22 -59.05 -7.58
N ASN A 380 45.23 -58.68 -6.31
CA ASN A 380 46.33 -57.97 -5.70
C ASN A 380 46.53 -58.57 -4.32
N THR A 381 47.79 -58.68 -3.89
CA THR A 381 48.06 -59.06 -2.52
C THR A 381 48.58 -57.88 -1.73
N VAL A 382 47.87 -57.54 -0.65
CA VAL A 382 48.26 -56.38 0.14
C VAL A 382 48.46 -56.78 1.60
N LYS A 383 49.63 -56.51 2.15
CA LYS A 383 49.82 -56.76 3.58
C LYS A 383 49.58 -55.47 4.36
N VAL A 384 48.69 -55.53 5.34
CA VAL A 384 48.36 -54.38 6.17
C VAL A 384 48.80 -54.58 7.61
N SER A 385 49.69 -53.71 8.09
CA SER A 385 50.10 -53.75 9.50
C SER A 385 49.15 -52.98 10.42
N GLY A 386 48.78 -53.61 11.53
CA GLY A 386 47.91 -52.97 12.50
C GLY A 386 48.33 -53.23 13.94
N LYS A 387 47.72 -52.49 14.87
CA LYS A 387 47.92 -52.69 16.31
C LYS A 387 46.62 -52.54 17.09
N GLY A 388 46.51 -53.26 18.20
CA GLY A 388 45.36 -53.13 19.06
C GLY A 388 44.38 -54.30 19.00
N GLY A 389 43.17 -54.07 19.49
CA GLY A 389 42.17 -55.11 19.54
C GLY A 389 42.31 -55.99 20.76
N HIS A 390 41.51 -57.05 20.81
CA HIS A 390 41.43 -57.93 21.97
C HIS A 390 41.17 -59.37 21.57
N SER A 391 41.04 -60.24 22.56
CA SER A 391 40.94 -61.68 22.32
C SER A 391 39.70 -62.06 21.51
N GLY A 392 38.66 -61.25 21.60
CA GLY A 392 37.42 -61.52 20.88
C GLY A 392 37.37 -60.88 19.51
N SER A 393 38.43 -60.17 19.15
CA SER A 393 38.52 -59.52 17.85
C SER A 393 38.63 -60.50 16.67
N THR A 394 37.84 -60.23 15.63
CA THR A 394 38.02 -60.87 14.33
C THR A 394 38.41 -59.80 13.31
N PHE A 395 39.68 -59.79 12.93
CA PHE A 395 40.18 -58.75 12.02
C PHE A 395 39.84 -59.05 10.57
N ARG A 396 39.15 -58.12 9.92
CA ARG A 396 38.79 -58.24 8.51
C ARG A 396 39.59 -57.29 7.64
N CYS A 397 39.71 -57.61 6.36
CA CYS A 397 40.30 -56.68 5.39
C CYS A 397 39.21 -55.70 4.92
N CYS A 398 39.49 -54.40 4.99
CA CYS A 398 38.48 -53.39 4.69
C CYS A 398 38.87 -52.23 3.76
N HIS A 399 37.88 -51.72 3.03
CA HIS A 399 38.04 -50.54 2.18
C HIS A 399 36.84 -49.62 2.37
N GLY A 400 37.06 -48.42 2.89
CA GLY A 400 35.96 -47.53 3.22
C GLY A 400 35.03 -48.20 4.21
N GLU A 401 33.74 -48.27 3.88
CA GLU A 401 32.79 -48.93 4.79
C GLU A 401 32.61 -50.40 4.44
N ASP A 402 33.33 -50.87 3.43
CA ASP A 402 33.15 -52.25 2.98
C ASP A 402 34.24 -53.14 3.57
N CYS A 403 33.86 -54.30 4.10
CA CYS A 403 34.87 -55.20 4.64
C CYS A 403 34.65 -56.60 4.09
N SER A 404 35.66 -57.47 4.14
CA SER A 404 35.40 -58.83 3.70
C SER A 404 34.48 -59.60 4.65
N GLN A 405 33.98 -60.73 4.17
CA GLN A 405 32.99 -61.50 4.89
C GLN A 405 33.65 -62.38 5.94
N ILE A 406 34.90 -62.70 5.65
CA ILE A 406 35.77 -63.46 6.54
C ILE A 406 36.71 -62.66 7.41
N GLY A 407 36.81 -63.00 8.70
CA GLY A 407 37.81 -62.27 9.48
C GLY A 407 38.54 -63.31 10.29
N LEU A 408 39.67 -62.91 10.87
CA LEU A 408 40.52 -63.83 11.62
C LEU A 408 40.83 -63.41 13.05
N HIS A 409 41.08 -64.38 13.94
CA HIS A 409 41.56 -64.06 15.28
C HIS A 409 43.08 -64.01 15.17
N ALA A 410 43.69 -63.05 15.84
CA ALA A 410 45.13 -63.07 16.00
C ALA A 410 45.48 -63.88 17.24
N ALA A 411 46.77 -64.11 17.46
CA ALA A 411 47.19 -64.91 18.60
C ALA A 411 47.36 -64.04 19.82
N ALA A 412 47.44 -64.66 20.98
CA ALA A 412 47.63 -63.92 22.23
C ALA A 412 49.08 -63.47 22.36
N PRO A 413 49.30 -62.31 22.99
CA PRO A 413 50.66 -61.83 23.25
C PRO A 413 51.35 -62.48 24.45
N HIS A 414 50.72 -63.50 25.04
CA HIS A 414 51.35 -64.28 26.12
C HIS A 414 51.43 -65.76 25.76
N GLN B 7 -30.03 40.83 14.33
CA GLN B 7 -30.83 39.71 13.87
C GLN B 7 -31.84 40.18 12.82
N VAL B 8 -32.03 39.36 11.78
CA VAL B 8 -32.99 39.70 10.74
C VAL B 8 -33.90 38.50 10.45
N GLN B 9 -35.07 38.78 9.89
CA GLN B 9 -36.02 37.73 9.53
C GLN B 9 -36.43 37.88 8.07
N LEU B 10 -36.26 36.81 7.30
CA LEU B 10 -36.58 36.86 5.87
C LEU B 10 -38.01 36.46 5.59
N GLN B 11 -38.59 37.11 4.59
CA GLN B 11 -39.94 36.77 4.16
C GLN B 11 -40.06 36.90 2.64
N GLU B 12 -40.33 35.79 1.99
CA GLU B 12 -40.44 35.75 0.53
C GLU B 12 -41.91 35.74 0.09
N SER B 13 -42.21 36.53 -0.95
CA SER B 13 -43.57 36.64 -1.47
C SER B 13 -43.61 36.50 -2.99
N GLY B 14 -44.74 36.04 -3.50
CA GLY B 14 -44.89 35.83 -4.93
C GLY B 14 -46.31 36.10 -5.39
N PRO B 15 -46.63 35.69 -6.63
CA PRO B 15 -47.95 35.89 -7.22
C PRO B 15 -48.91 34.72 -7.01
N GLY B 16 -48.40 33.64 -6.42
CA GLY B 16 -49.22 32.47 -6.13
C GLY B 16 -49.45 31.56 -7.31
N LEU B 17 -50.35 31.96 -8.21
CA LEU B 17 -50.69 31.14 -9.37
C LEU B 17 -50.42 31.90 -10.66
N VAL B 18 -49.71 31.25 -11.58
CA VAL B 18 -49.40 31.84 -12.87
C VAL B 18 -49.68 30.87 -14.01
N LYS B 19 -49.96 31.43 -15.19
CA LYS B 19 -50.23 30.61 -16.37
C LYS B 19 -48.92 30.20 -17.03
N PRO B 20 -48.93 29.10 -17.80
CA PRO B 20 -47.74 28.63 -18.51
C PRO B 20 -47.12 29.71 -19.42
N SER B 21 -45.80 29.59 -19.65
CA SER B 21 -45.03 30.49 -20.52
C SER B 21 -44.89 31.91 -19.98
N GLU B 22 -45.60 32.21 -18.92
CA GLU B 22 -45.56 33.54 -18.30
C GLU B 22 -44.35 33.66 -17.38
N THR B 23 -43.70 34.81 -17.40
CA THR B 23 -42.48 35.02 -16.62
C THR B 23 -42.75 35.21 -15.12
N LEU B 24 -42.06 34.40 -14.31
CA LEU B 24 -42.23 34.42 -12.85
C LEU B 24 -41.28 35.41 -12.19
N SER B 25 -41.71 35.96 -11.05
CA SER B 25 -40.94 36.99 -10.36
C SER B 25 -41.13 36.93 -8.84
N LEU B 26 -40.10 36.47 -8.14
CA LEU B 26 -40.18 36.33 -6.68
C LEU B 26 -39.50 37.50 -5.96
N THR B 27 -39.83 37.67 -4.69
CA THR B 27 -39.29 38.75 -3.88
C THR B 27 -39.04 38.29 -2.45
N CYS B 28 -37.80 38.43 -1.98
CA CYS B 28 -37.47 38.07 -0.61
C CYS B 28 -37.03 39.33 0.15
N VAL B 29 -37.89 39.78 1.06
CA VAL B 29 -37.65 41.02 1.79
C VAL B 29 -36.91 40.76 3.11
N VAL B 30 -35.84 41.52 3.33
CA VAL B 30 -35.09 41.40 4.58
C VAL B 30 -35.54 42.45 5.58
N SER B 31 -35.96 42.01 6.75
CA SER B 31 -36.43 42.92 7.79
C SER B 31 -35.60 42.80 9.05
N GLY B 32 -35.44 43.93 9.75
CA GLY B 32 -34.67 43.95 10.98
C GLY B 32 -33.20 44.23 10.74
N GLY B 33 -32.84 44.49 9.50
CA GLY B 33 -31.47 44.76 9.14
C GLY B 33 -31.26 44.95 7.64
N SER B 34 -30.00 45.08 7.25
CA SER B 34 -29.64 45.30 5.85
C SER B 34 -29.45 43.97 5.13
N ILE B 35 -29.59 44.00 3.81
CA ILE B 35 -29.37 42.81 3.00
C ILE B 35 -27.86 42.63 2.76
N SER B 36 -27.10 43.68 3.03
CA SER B 36 -25.65 43.65 2.87
C SER B 36 -24.94 43.24 4.15
N SER B 37 -25.69 43.05 5.23
CA SER B 37 -25.14 42.58 6.49
C SER B 37 -24.64 41.15 6.35
N SER B 38 -25.39 40.35 5.61
CA SER B 38 -24.98 38.99 5.29
C SER B 38 -24.33 38.97 3.91
N ASN B 39 -23.31 38.14 3.76
CA ASN B 39 -22.56 38.06 2.51
C ASN B 39 -23.35 37.47 1.36
N TRP B 40 -23.92 36.30 1.61
CA TRP B 40 -24.27 35.38 0.54
C TRP B 40 -25.70 34.88 0.67
N TRP B 41 -26.46 35.07 -0.40
CA TRP B 41 -27.89 34.78 -0.43
C TRP B 41 -28.18 33.72 -1.49
N SER B 42 -29.17 32.88 -1.23
CA SER B 42 -29.43 31.73 -2.11
C SER B 42 -30.92 31.49 -2.35
N TRP B 43 -31.25 31.03 -3.55
CA TRP B 43 -32.60 30.59 -3.87
C TRP B 43 -32.63 29.09 -4.01
N VAL B 44 -33.72 28.49 -3.55
CA VAL B 44 -33.91 27.05 -3.69
C VAL B 44 -35.39 26.71 -3.57
N ARG B 45 -35.85 25.85 -4.47
CA ARG B 45 -37.26 25.50 -4.55
C ARG B 45 -37.45 24.00 -4.35
N GLN B 46 -38.62 23.61 -3.86
CA GLN B 46 -38.99 22.20 -3.86
C GLN B 46 -40.45 22.03 -4.31
N PRO B 47 -40.64 21.24 -5.38
CA PRO B 47 -41.97 20.81 -5.83
C PRO B 47 -42.68 20.04 -4.74
N PRO B 48 -44.02 20.15 -4.67
CA PRO B 48 -44.77 19.43 -3.64
C PRO B 48 -44.56 17.93 -3.75
N GLY B 49 -44.23 17.29 -2.62
CA GLY B 49 -44.04 15.85 -2.59
C GLY B 49 -42.66 15.45 -3.08
N LYS B 50 -41.83 16.44 -3.38
CA LYS B 50 -40.52 16.19 -3.93
C LYS B 50 -39.41 16.79 -3.06
N GLY B 51 -38.17 16.65 -3.51
CA GLY B 51 -37.03 17.11 -2.74
C GLY B 51 -36.52 18.49 -3.13
N LEU B 52 -35.53 18.98 -2.39
CA LEU B 52 -35.00 20.32 -2.60
C LEU B 52 -34.20 20.44 -3.90
N GLU B 53 -34.26 21.62 -4.50
CA GLU B 53 -33.51 21.92 -5.71
C GLU B 53 -32.93 23.32 -5.67
N TRP B 54 -31.61 23.40 -5.61
CA TRP B 54 -30.88 24.66 -5.57
C TRP B 54 -30.99 25.36 -6.93
N ILE B 55 -31.38 26.64 -6.89
CA ILE B 55 -31.61 27.38 -8.12
C ILE B 55 -30.38 28.22 -8.47
N GLY B 56 -29.93 29.01 -7.50
CA GLY B 56 -28.80 29.90 -7.70
C GLY B 56 -28.43 30.64 -6.43
N GLU B 57 -27.25 31.24 -6.42
CA GLU B 57 -26.79 31.97 -5.24
C GLU B 57 -25.91 33.15 -5.61
N ILE B 58 -25.92 34.16 -4.75
CA ILE B 58 -25.10 35.34 -4.93
C ILE B 58 -24.23 35.56 -3.70
N TYR B 59 -22.99 35.07 -3.77
CA TYR B 59 -22.03 35.30 -2.71
C TYR B 59 -21.22 36.53 -3.07
N HIS B 60 -21.33 36.91 -4.34
CA HIS B 60 -20.39 37.84 -4.92
C HIS B 60 -21.09 39.07 -5.50
N SER B 61 -20.59 40.24 -5.15
CA SER B 61 -21.10 41.48 -5.73
C SER B 61 -20.80 41.52 -7.22
N GLY B 62 -19.87 40.65 -7.64
CA GLY B 62 -19.44 40.57 -9.02
C GLY B 62 -20.38 39.78 -9.92
N SER B 63 -20.75 38.57 -9.49
CA SER B 63 -21.55 37.69 -10.33
C SER B 63 -22.17 36.53 -9.55
N PRO B 64 -23.37 36.10 -9.96
CA PRO B 64 -24.08 35.00 -9.31
C PRO B 64 -23.81 33.63 -9.91
N ASN B 65 -23.99 32.58 -9.12
CA ASN B 65 -23.95 31.21 -9.62
C ASN B 65 -25.35 30.73 -9.97
N TYR B 66 -25.49 30.03 -11.10
CA TYR B 66 -26.78 29.49 -11.51
C TYR B 66 -26.70 27.99 -11.79
N ASN B 67 -27.81 27.30 -11.58
CA ASN B 67 -27.94 25.90 -11.95
C ASN B 67 -28.04 25.72 -13.46
N PRO B 68 -27.11 24.93 -14.06
CA PRO B 68 -26.98 24.69 -15.50
C PRO B 68 -28.32 24.43 -16.19
N SER B 69 -29.14 23.56 -15.60
CA SER B 69 -30.42 23.19 -16.17
C SER B 69 -31.41 24.36 -16.19
N LEU B 70 -31.24 25.29 -15.26
CA LEU B 70 -32.17 26.41 -15.13
C LEU B 70 -31.61 27.72 -15.65
N LYS B 71 -30.33 27.72 -16.02
CA LYS B 71 -29.67 28.93 -16.51
C LYS B 71 -30.44 29.53 -17.69
N SER B 72 -30.20 30.81 -17.97
CA SER B 72 -30.92 31.60 -18.98
C SER B 72 -32.36 31.91 -18.56
N ARG B 73 -33.15 30.88 -18.26
CA ARG B 73 -34.50 31.08 -17.76
C ARG B 73 -34.51 31.87 -16.45
N VAL B 74 -33.47 31.70 -15.64
CA VAL B 74 -33.46 32.28 -14.29
C VAL B 74 -32.47 33.44 -14.13
N THR B 75 -32.95 34.49 -13.47
CA THR B 75 -32.18 35.69 -13.20
C THR B 75 -32.30 36.04 -11.72
N ILE B 76 -31.18 36.24 -11.06
CA ILE B 76 -31.19 36.55 -9.63
C ILE B 76 -30.45 37.86 -9.37
N SER B 77 -30.92 38.63 -8.40
CA SER B 77 -30.37 39.96 -8.16
C SER B 77 -30.47 40.39 -6.71
N VAL B 78 -29.60 41.32 -6.33
CA VAL B 78 -29.58 41.88 -4.98
C VAL B 78 -29.49 43.40 -5.06
N ASP B 79 -30.53 44.09 -4.59
CA ASP B 79 -30.50 45.55 -4.57
C ASP B 79 -30.63 46.08 -3.14
N LYS B 80 -30.08 47.26 -2.90
CA LYS B 80 -30.05 47.85 -1.57
C LYS B 80 -31.07 48.96 -1.41
N SER B 81 -31.62 49.43 -2.52
CA SER B 81 -32.61 50.51 -2.49
C SER B 81 -33.91 50.04 -1.85
N LYS B 82 -34.43 48.91 -2.34
CA LYS B 82 -35.64 48.32 -1.77
C LYS B 82 -35.29 47.29 -0.70
N ASN B 83 -34.01 46.92 -0.65
CA ASN B 83 -33.49 46.01 0.37
C ASN B 83 -34.13 44.62 0.32
N GLN B 84 -34.05 43.97 -0.85
CA GLN B 84 -34.72 42.69 -1.07
C GLN B 84 -33.97 41.78 -2.04
N PHE B 85 -34.16 40.47 -1.86
CA PHE B 85 -33.52 39.45 -2.70
C PHE B 85 -34.42 39.10 -3.89
N SER B 86 -33.90 39.24 -5.11
CA SER B 86 -34.73 39.13 -6.30
C SER B 86 -34.52 37.83 -7.10
N LEU B 87 -35.61 37.32 -7.67
CA LEU B 87 -35.57 36.13 -8.51
C LEU B 87 -36.56 36.23 -9.67
N LYS B 88 -36.12 35.89 -10.88
CA LYS B 88 -36.99 35.95 -12.05
C LYS B 88 -36.81 34.77 -12.99
N LEU B 89 -37.87 33.97 -13.13
CA LEU B 89 -37.91 32.82 -14.03
C LEU B 89 -38.74 33.10 -15.28
N SER B 90 -38.13 32.91 -16.45
CA SER B 90 -38.80 33.15 -17.73
C SER B 90 -39.41 31.88 -18.29
N SER B 91 -40.44 32.03 -19.11
CA SER B 91 -41.10 30.91 -19.81
C SER B 91 -41.35 29.71 -18.90
N VAL B 92 -42.25 29.90 -17.95
CA VAL B 92 -42.52 28.90 -16.91
C VAL B 92 -43.42 27.75 -17.39
N THR B 93 -43.00 26.52 -17.09
CA THR B 93 -43.79 25.33 -17.43
C THR B 93 -44.48 24.75 -16.21
N ALA B 94 -45.16 23.63 -16.40
CA ALA B 94 -45.93 23.00 -15.33
C ALA B 94 -45.04 22.19 -14.38
N ALA B 95 -43.73 22.36 -14.51
CA ALA B 95 -42.79 21.66 -13.66
C ALA B 95 -42.09 22.66 -12.74
N ASP B 96 -42.35 23.94 -12.97
CA ASP B 96 -41.76 24.99 -12.14
C ASP B 96 -42.62 25.26 -10.93
N THR B 97 -43.78 24.62 -10.87
CA THR B 97 -44.70 24.83 -9.75
C THR B 97 -44.13 24.21 -8.48
N ALA B 98 -43.71 25.08 -7.57
CA ALA B 98 -43.02 24.65 -6.36
C ALA B 98 -43.04 25.73 -5.28
N VAL B 99 -42.56 25.37 -4.09
CA VAL B 99 -42.37 26.32 -3.00
C VAL B 99 -40.96 26.91 -3.07
N TYR B 100 -40.88 28.23 -3.19
CA TYR B 100 -39.59 28.90 -3.34
C TYR B 100 -39.08 29.45 -2.01
N TYR B 101 -37.90 28.99 -1.63
CA TYR B 101 -37.27 29.38 -0.38
C TYR B 101 -36.16 30.40 -0.59
N CYS B 102 -36.04 31.31 0.37
CA CYS B 102 -34.98 32.31 0.41
C CYS B 102 -34.07 32.00 1.59
N ALA B 103 -32.76 31.94 1.37
CA ALA B 103 -31.83 31.62 2.44
C ALA B 103 -30.55 32.42 2.38
N ARG B 104 -30.10 32.90 3.53
CA ARG B 104 -28.82 33.59 3.62
C ARG B 104 -27.80 32.71 4.33
N GLN B 105 -26.64 32.55 3.70
CA GLN B 105 -25.59 31.68 4.21
C GLN B 105 -26.10 30.25 4.40
N MET B 106 -27.28 29.98 3.83
CA MET B 106 -27.95 28.69 3.94
C MET B 106 -28.11 28.24 5.40
N ARG B 107 -28.04 29.19 6.31
CA ARG B 107 -28.27 28.93 7.73
C ARG B 107 -29.67 29.35 8.11
N GLN B 108 -30.04 30.57 7.71
CA GLN B 108 -31.36 31.11 8.00
C GLN B 108 -32.26 31.08 6.77
N TRP B 109 -33.48 30.59 6.96
CA TRP B 109 -34.44 30.40 5.88
C TRP B 109 -35.73 31.18 6.08
N GLY B 110 -36.32 31.63 4.97
CA GLY B 110 -37.67 32.17 4.99
C GLY B 110 -38.65 31.01 4.98
N GLN B 111 -39.92 31.29 5.28
CA GLN B 111 -40.89 30.22 5.41
C GLN B 111 -41.42 29.73 4.05
N GLY B 112 -40.96 30.37 2.98
CA GLY B 112 -41.29 29.93 1.63
C GLY B 112 -42.61 30.47 1.10
N THR B 113 -42.73 30.47 -0.23
CA THR B 113 -43.99 30.85 -0.87
C THR B 113 -44.32 29.91 -2.02
N LEU B 114 -45.53 29.39 -2.01
CA LEU B 114 -45.98 28.44 -3.02
C LEU B 114 -46.27 29.14 -4.34
N VAL B 115 -45.81 28.54 -5.43
CA VAL B 115 -46.16 29.00 -6.76
C VAL B 115 -46.72 27.82 -7.54
N THR B 116 -47.93 27.98 -8.08
CA THR B 116 -48.56 26.93 -8.86
C THR B 116 -48.70 27.37 -10.32
N VAL B 117 -48.37 26.47 -11.24
CA VAL B 117 -48.46 26.77 -12.66
C VAL B 117 -49.51 25.88 -13.32
N SER B 118 -50.70 26.46 -13.54
CA SER B 118 -51.82 25.70 -14.05
C SER B 118 -52.62 26.50 -15.06
N SER B 119 -53.35 25.78 -15.92
CA SER B 119 -54.29 26.39 -16.85
C SER B 119 -55.14 25.32 -17.52
N SER C 136 -28.06 13.06 -10.66
CA SER C 136 -27.97 12.79 -9.23
C SER C 136 -26.62 13.25 -8.65
N GLU C 137 -25.63 12.36 -8.71
CA GLU C 137 -24.29 12.60 -8.18
C GLU C 137 -24.27 12.96 -6.69
N LEU C 138 -25.36 12.66 -6.01
CA LEU C 138 -25.48 12.84 -4.57
C LEU C 138 -26.68 12.02 -4.12
N THR C 139 -26.46 10.73 -3.91
CA THR C 139 -27.52 9.78 -3.68
C THR C 139 -27.71 9.49 -2.20
N GLN C 140 -28.96 9.34 -1.78
CA GLN C 140 -29.30 8.90 -0.43
C GLN C 140 -30.18 7.67 -0.51
N ASP C 141 -30.46 7.05 0.63
CA ASP C 141 -31.50 6.03 0.67
C ASP C 141 -32.83 6.72 0.93
N PRO C 142 -33.87 6.32 0.19
CA PRO C 142 -35.19 6.96 0.24
C PRO C 142 -35.82 7.00 1.64
N ALA C 143 -35.87 5.85 2.32
CA ALA C 143 -36.56 5.77 3.60
C ALA C 143 -35.81 4.94 4.63
N VAL C 144 -35.79 5.41 5.87
CA VAL C 144 -35.11 4.73 6.97
C VAL C 144 -35.98 4.74 8.21
N SER C 145 -36.23 3.56 8.78
CA SER C 145 -37.13 3.44 9.92
C SER C 145 -36.36 3.06 11.18
N VAL C 146 -36.66 3.74 12.28
CA VAL C 146 -35.96 3.50 13.53
C VAL C 146 -36.92 3.40 14.70
N ALA C 147 -36.63 2.46 15.61
CA ALA C 147 -37.35 2.37 16.86
C ALA C 147 -36.77 3.35 17.86
N LEU C 148 -37.63 3.92 18.69
CA LEU C 148 -37.24 4.88 19.73
C LEU C 148 -36.04 4.38 20.54
N GLY C 149 -35.10 5.28 20.83
CA GLY C 149 -33.94 4.94 21.63
C GLY C 149 -32.73 4.43 20.86
N GLN C 150 -32.99 3.82 19.70
CA GLN C 150 -31.92 3.25 18.87
C GLN C 150 -31.09 4.32 18.19
N THR C 151 -30.05 3.89 17.47
CA THR C 151 -29.14 4.81 16.80
C THR C 151 -29.34 4.79 15.29
N VAL C 152 -29.48 5.96 14.70
CA VAL C 152 -29.70 6.08 13.26
C VAL C 152 -28.44 6.51 12.52
N ARG C 153 -28.24 5.99 11.32
CA ARG C 153 -27.16 6.46 10.48
C ARG C 153 -27.66 6.71 9.07
N ILE C 154 -27.81 7.97 8.70
CA ILE C 154 -28.21 8.33 7.34
C ILE C 154 -27.01 8.67 6.49
N THR C 155 -26.80 7.88 5.44
CA THR C 155 -25.65 8.03 4.57
C THR C 155 -25.96 8.78 3.26
N CYS C 156 -24.97 9.52 2.78
CA CYS C 156 -25.04 10.24 1.52
C CYS C 156 -23.77 9.93 0.73
N GLN C 157 -23.90 9.62 -0.56
CA GLN C 157 -22.73 9.24 -1.36
C GLN C 157 -22.60 10.01 -2.66
N GLY C 158 -21.41 10.55 -2.91
CA GLY C 158 -21.13 11.29 -4.13
C GLY C 158 -19.66 11.58 -4.36
N ASP C 159 -19.30 11.87 -5.60
CA ASP C 159 -17.91 12.08 -5.98
C ASP C 159 -17.29 13.33 -5.36
N SER C 160 -18.12 14.32 -5.08
CA SER C 160 -17.62 15.58 -4.53
C SER C 160 -17.47 15.50 -3.01
N LEU C 161 -18.00 14.44 -2.42
CA LEU C 161 -17.97 14.26 -0.97
C LEU C 161 -16.59 13.96 -0.41
N ARG C 162 -15.61 13.74 -1.30
CA ARG C 162 -14.24 13.58 -0.89
C ARG C 162 -13.43 14.83 -1.21
N SER C 163 -14.13 15.92 -1.52
CA SER C 163 -13.50 17.21 -1.76
C SER C 163 -14.16 18.23 -0.85
N TYR C 164 -15.36 17.91 -0.40
CA TYR C 164 -16.17 18.85 0.37
C TYR C 164 -16.85 18.16 1.54
N TYR C 165 -16.98 18.89 2.64
CA TYR C 165 -17.81 18.43 3.73
C TYR C 165 -19.29 18.63 3.42
N ALA C 166 -20.10 17.62 3.69
CA ALA C 166 -21.52 17.71 3.43
C ALA C 166 -22.24 18.59 4.45
N SER C 167 -23.35 19.18 4.01
CA SER C 167 -24.24 19.89 4.91
C SER C 167 -25.48 19.05 5.09
N TRP C 168 -26.01 19.02 6.31
CA TRP C 168 -27.21 18.24 6.57
C TRP C 168 -28.37 19.13 6.98
N TYR C 169 -29.51 18.92 6.33
CA TYR C 169 -30.70 19.71 6.62
C TYR C 169 -31.86 18.82 7.07
N GLN C 170 -32.56 19.27 8.11
CA GLN C 170 -33.74 18.57 8.60
C GLN C 170 -35.01 19.33 8.20
N GLN C 171 -35.94 18.64 7.55
CA GLN C 171 -37.19 19.28 7.16
C GLN C 171 -38.42 18.54 7.70
N LYS C 172 -39.19 19.23 8.52
CA LYS C 172 -40.49 18.73 8.99
C LYS C 172 -41.60 19.21 8.07
N PRO C 173 -42.67 18.40 7.91
CA PRO C 173 -43.79 18.68 7.01
C PRO C 173 -44.35 20.09 7.13
N GLY C 174 -44.37 20.81 6.01
CA GLY C 174 -44.94 22.14 5.95
C GLY C 174 -44.08 23.22 6.58
N GLN C 175 -42.81 22.92 6.79
CA GLN C 175 -41.90 23.87 7.40
C GLN C 175 -40.63 24.05 6.56
N ALA C 176 -39.94 25.16 6.77
CA ALA C 176 -38.68 25.41 6.08
C ALA C 176 -37.57 24.48 6.59
N PRO C 177 -36.61 24.16 5.72
CA PRO C 177 -35.44 23.35 6.09
C PRO C 177 -34.62 23.98 7.22
N VAL C 178 -34.01 23.11 8.04
CA VAL C 178 -33.19 23.56 9.16
C VAL C 178 -31.81 22.91 9.11
N LEU C 179 -30.77 23.72 9.19
CA LEU C 179 -29.39 23.22 9.22
C LEU C 179 -29.09 22.44 10.49
N VAL C 180 -28.48 21.27 10.33
CA VAL C 180 -28.11 20.42 11.46
C VAL C 180 -26.59 20.26 11.58
N ILE C 181 -25.92 19.93 10.48
CA ILE C 181 -24.49 19.68 10.47
C ILE C 181 -23.81 20.36 9.28
N TYR C 182 -22.61 20.90 9.50
CA TYR C 182 -21.78 21.41 8.41
C TYR C 182 -20.31 21.21 8.75
N GLY C 183 -19.46 21.24 7.72
CA GLY C 183 -18.05 20.98 7.91
C GLY C 183 -17.83 19.57 8.45
N LYS C 184 -16.88 19.45 9.37
CA LYS C 184 -16.68 18.18 10.06
C LYS C 184 -17.30 18.27 11.45
N ASN C 185 -18.55 17.84 11.57
CA ASN C 185 -19.26 17.76 12.85
C ASN C 185 -19.56 19.12 13.51
N ASN C 186 -19.23 20.21 12.83
CA ASN C 186 -19.62 21.52 13.33
C ASN C 186 -21.13 21.65 13.23
N ARG C 187 -21.78 22.18 14.26
CA ARG C 187 -23.24 22.27 14.23
C ARG C 187 -23.79 23.51 14.93
N PRO C 188 -24.88 24.09 14.40
CA PRO C 188 -25.48 25.31 14.92
C PRO C 188 -26.07 25.14 16.31
N SER C 189 -26.19 26.25 17.04
CA SER C 189 -26.81 26.21 18.36
C SER C 189 -28.30 25.92 18.22
N GLY C 190 -28.90 25.43 19.31
CA GLY C 190 -30.29 25.02 19.27
C GLY C 190 -30.43 23.60 18.77
N ILE C 191 -29.31 23.05 18.28
CA ILE C 191 -29.29 21.67 17.80
C ILE C 191 -28.73 20.74 18.88
N PRO C 192 -29.49 19.70 19.24
CA PRO C 192 -29.17 18.69 20.26
C PRO C 192 -27.80 18.04 20.09
N ASP C 193 -27.28 17.47 21.17
CA ASP C 193 -25.97 16.81 21.16
C ASP C 193 -25.96 15.51 20.37
N ARG C 194 -27.14 14.96 20.11
CA ARG C 194 -27.25 13.64 19.50
C ARG C 194 -27.05 13.63 17.96
N PHE C 195 -26.84 14.79 17.38
CA PHE C 195 -26.55 14.87 15.95
C PHE C 195 -25.05 15.00 15.69
N SER C 196 -24.51 14.10 14.87
CA SER C 196 -23.07 14.07 14.63
C SER C 196 -22.72 13.96 13.15
N GLY C 197 -21.54 14.44 12.80
CA GLY C 197 -21.07 14.41 11.42
C GLY C 197 -20.02 13.35 11.19
N SER C 198 -20.02 12.79 9.97
CA SER C 198 -19.14 11.68 9.64
C SER C 198 -18.78 11.69 8.17
N SER C 199 -17.53 11.41 7.86
CA SER C 199 -17.08 11.38 6.47
C SER C 199 -16.06 10.26 6.26
N SER C 200 -16.13 9.61 5.11
CA SER C 200 -15.11 8.65 4.72
C SER C 200 -15.24 8.35 3.23
N GLY C 201 -14.15 8.58 2.49
CA GLY C 201 -14.17 8.36 1.06
C GLY C 201 -15.17 9.26 0.37
N ASN C 202 -16.02 8.65 -0.46
CA ASN C 202 -17.02 9.41 -1.20
C ASN C 202 -18.38 9.43 -0.51
N THR C 203 -18.38 9.11 0.79
CA THR C 203 -19.62 9.17 1.54
C THR C 203 -19.53 10.10 2.74
N ALA C 204 -20.69 10.54 3.21
CA ALA C 204 -20.82 11.35 4.41
C ALA C 204 -22.06 10.89 5.17
N SER C 205 -21.97 10.79 6.49
CA SER C 205 -23.07 10.26 7.26
C SER C 205 -23.52 11.18 8.39
N LEU C 206 -24.83 11.25 8.57
CA LEU C 206 -25.41 11.96 9.70
C LEU C 206 -25.90 10.94 10.71
N THR C 207 -25.33 10.97 11.91
CA THR C 207 -25.69 9.99 12.92
C THR C 207 -26.59 10.62 13.97
N ILE C 208 -27.60 9.87 14.38
CA ILE C 208 -28.49 10.30 15.45
C ILE C 208 -28.53 9.22 16.53
N THR C 209 -27.75 9.41 17.58
CA THR C 209 -27.71 8.45 18.68
C THR C 209 -28.87 8.71 19.62
N GLY C 210 -29.50 7.65 20.11
CA GLY C 210 -30.64 7.78 20.99
C GLY C 210 -31.75 8.58 20.36
N ALA C 211 -32.31 8.06 19.27
CA ALA C 211 -33.32 8.76 18.49
C ALA C 211 -34.60 9.03 19.28
N GLN C 212 -35.19 10.19 19.04
CA GLN C 212 -36.47 10.54 19.65
C GLN C 212 -37.51 10.85 18.57
N ALA C 213 -38.77 10.95 18.97
CA ALA C 213 -39.89 11.04 18.03
C ALA C 213 -39.86 12.30 17.16
N GLU C 214 -39.43 13.41 17.74
CA GLU C 214 -39.40 14.69 17.05
C GLU C 214 -38.39 14.71 15.89
N ASP C 215 -37.56 13.69 15.80
CA ASP C 215 -36.59 13.58 14.72
C ASP C 215 -37.23 13.03 13.46
N GLU C 216 -38.49 12.61 13.56
CA GLU C 216 -39.23 12.12 12.41
C GLU C 216 -39.41 13.26 11.41
N ALA C 217 -38.56 13.27 10.39
CA ALA C 217 -38.57 14.33 9.39
C ALA C 217 -37.85 13.89 8.13
N ASP C 218 -37.70 14.82 7.19
CA ASP C 218 -36.87 14.60 6.02
C ASP C 218 -35.43 15.01 6.32
N TYR C 219 -34.47 14.34 5.69
CA TYR C 219 -33.07 14.71 5.84
C TYR C 219 -32.39 14.80 4.50
N TYR C 220 -31.87 15.99 4.19
CA TYR C 220 -31.26 16.24 2.91
C TYR C 220 -29.76 16.43 3.05
N CYS C 221 -29.02 15.79 2.16
CA CYS C 221 -27.58 15.90 2.12
C CYS C 221 -27.22 17.01 1.12
N ASN C 222 -26.34 17.90 1.51
CA ASN C 222 -26.00 19.04 0.65
C ASN C 222 -24.49 19.28 0.52
N SER C 223 -24.04 19.50 -0.71
CA SER C 223 -22.62 19.70 -0.97
C SER C 223 -22.37 20.51 -2.23
N ARG C 224 -21.13 20.92 -2.41
CA ARG C 224 -20.72 21.63 -3.63
C ARG C 224 -20.48 20.64 -4.75
N ASP C 225 -20.74 21.08 -5.97
CA ASP C 225 -20.51 20.27 -7.16
C ASP C 225 -19.02 20.10 -7.40
N SER C 226 -18.65 19.09 -8.19
CA SER C 226 -17.26 18.84 -8.53
C SER C 226 -16.67 19.96 -9.39
N SER C 227 -17.52 20.64 -10.15
CA SER C 227 -17.08 21.78 -10.95
C SER C 227 -16.73 22.97 -10.05
N GLY C 228 -17.37 23.02 -8.88
CA GLY C 228 -17.07 24.04 -7.90
C GLY C 228 -17.86 25.31 -8.15
N ASN C 229 -18.97 25.16 -8.86
CA ASN C 229 -19.79 26.31 -9.22
C ASN C 229 -21.26 26.09 -8.86
N HIS C 230 -21.61 24.86 -8.53
CA HIS C 230 -23.00 24.55 -8.20
C HIS C 230 -23.14 24.04 -6.77
N ASN C 231 -24.35 24.13 -6.26
CA ASN C 231 -24.70 23.56 -4.96
C ASN C 231 -25.76 22.51 -5.18
N VAL C 232 -25.45 21.25 -4.86
CA VAL C 232 -26.37 20.17 -5.16
C VAL C 232 -26.97 19.54 -3.89
N PHE C 233 -28.24 19.17 -3.97
CA PHE C 233 -28.91 18.44 -2.88
C PHE C 233 -29.04 16.96 -3.21
N GLY C 234 -29.35 16.17 -2.19
CA GLY C 234 -29.54 14.75 -2.36
C GLY C 234 -31.00 14.44 -2.57
N GLY C 235 -31.33 13.16 -2.67
CA GLY C 235 -32.69 12.74 -2.91
C GLY C 235 -33.58 12.89 -1.69
N GLY C 236 -32.97 13.11 -0.54
CA GLY C 236 -33.69 13.21 0.71
C GLY C 236 -33.87 11.84 1.35
N THR C 237 -34.10 11.81 2.66
CA THR C 237 -34.37 10.57 3.37
C THR C 237 -35.48 10.75 4.40
N LYS C 238 -36.58 10.03 4.20
CA LYS C 238 -37.73 10.11 5.10
C LYS C 238 -37.55 9.21 6.31
N LEU C 239 -37.23 9.81 7.45
CA LEU C 239 -37.02 9.05 8.67
C LEU C 239 -38.29 8.91 9.47
N THR C 240 -38.75 7.68 9.68
CA THR C 240 -39.91 7.44 10.54
C THR C 240 -39.47 6.87 11.88
N VAL C 241 -39.88 7.52 12.97
CA VAL C 241 -39.61 7.03 14.30
C VAL C 241 -40.82 6.26 14.83
N LEU C 242 -40.56 5.13 15.47
CA LEU C 242 -41.62 4.24 15.90
C LEU C 242 -41.81 4.26 17.41
C1 NAG D . 6.93 -3.86 -14.96
C2 NAG D . 6.41 -3.82 -16.42
C3 NAG D . 7.56 -3.53 -17.39
C4 NAG D . 8.34 -2.30 -16.96
C5 NAG D . 8.80 -2.47 -15.51
C6 NAG D . 9.54 -1.26 -14.98
C7 NAG D . 4.84 -5.18 -17.72
C8 NAG D . 4.27 -6.56 -17.94
N2 NAG D . 5.75 -5.07 -16.75
O3 NAG D . 7.04 -3.33 -18.69
O4 NAG D . 9.48 -2.12 -17.78
O5 NAG D . 7.65 -2.67 -14.68
O6 NAG D . 9.73 -1.35 -13.56
O7 NAG D . 4.48 -4.23 -18.40
CO NCO E . 29.75 -45.52 -0.05
N1 NCO E . 29.79 -44.94 -1.94
N2 NCO E . 29.70 -46.13 1.83
N3 NCO E . 31.63 -44.96 0.18
N4 NCO E . 30.35 -47.32 -0.64
N5 NCO E . 27.86 -46.09 -0.29
N6 NCO E . 29.14 -43.73 0.54
#